data_1QCU
#
_entry.id   1QCU
#
_cell.length_a   43.806
_cell.length_b   43.806
_cell.length_c   29.170
_cell.angle_alpha   90.00
_cell.angle_beta   90.00
_cell.angle_gamma   120.00
#
_symmetry.space_group_name_H-M   'P 3'
#
loop_
_entity.id
_entity.type
_entity.pdbx_description
1 polymer "5'-R(P*GP*GP*GP*GP*GP*GP*GP*GP*GP*GP*G)-3'"
2 polymer "5'-R(P*CP*CP*CP*CP*CP*CP*CP*CP*CP*CP*C)-3'"
3 non-polymer 'AMMONIUM ION'
4 water water
#
loop_
_entity_poly.entity_id
_entity_poly.type
_entity_poly.pdbx_seq_one_letter_code
_entity_poly.pdbx_strand_id
1 'polyribonucleotide' GGGGGGGGGGG A,D
2 'polyribonucleotide' CCCCCCCCCCC B,C
#
loop_
_chem_comp.id
_chem_comp.type
_chem_comp.name
_chem_comp.formula
C RNA linking CYTIDINE-5'-MONOPHOSPHATE 'C9 H14 N3 O8 P'
G RNA linking GUANOSINE-5'-MONOPHOSPHATE 'C10 H14 N5 O8 P'
NH4 non-polymer 'AMMONIUM ION' 'H4 N 1'
#
# COMPACT_ATOMS: atom_id res chain seq x y z
N NH4 E . 9.50 -7.08 -10.93
N NH4 F . -5.33 9.82 6.93
N NH4 G . -4.19 -16.07 2.20
N NH4 H . 0.02 13.33 1.80
#